data_2YYH
#
_entry.id   2YYH
#
_cell.length_a   122.020
_cell.length_b   34.336
_cell.length_c   130.005
_cell.angle_alpha   90.00
_cell.angle_beta   106.06
_cell.angle_gamma   90.00
#
_symmetry.space_group_name_H-M   'C 1 2 1'
#
loop_
_entity.id
_entity.type
_entity.pdbx_description
1 polymer '8-OXO-dGTPase domain'
2 water water
#
_entity_poly.entity_id   1
_entity_poly.type   'polypeptide(L)'
_entity_poly.pdbx_seq_one_letter_code
;(MSE)GFNVKTPLLATDVIIRLWDGENFKGIVLIERKYPPVGLALPGGFVEVGERVEEAAARE(MSE)REETGLEVRLHK
L(MSE)GVYSDPERDPRAHVVSVVWIGDAQGEPKAGSDAKKVKVYRLEEIPLDKLVFDHKKIILDFLKGNY
;
_entity_poly.pdbx_strand_id   A,B,C,D
#
# COMPACT_ATOMS: atom_id res chain seq x y z
N GLY A 2 -10.64 -14.60 -2.03
CA GLY A 2 -9.90 -14.87 -0.77
C GLY A 2 -10.05 -13.76 0.24
N PHE A 3 -9.10 -13.69 1.17
CA PHE A 3 -9.11 -12.67 2.21
C PHE A 3 -8.45 -11.41 1.64
N ASN A 4 -9.26 -10.37 1.43
CA ASN A 4 -8.80 -9.12 0.84
C ASN A 4 -8.28 -8.08 1.83
N VAL A 5 -7.31 -8.45 2.65
CA VAL A 5 -6.75 -7.50 3.61
C VAL A 5 -5.23 -7.44 3.45
N LYS A 6 -4.69 -6.22 3.38
CA LYS A 6 -3.25 -6.04 3.24
C LYS A 6 -2.69 -5.33 4.45
N THR A 7 -1.53 -5.79 4.92
CA THR A 7 -0.89 -5.19 6.07
C THR A 7 0.60 -5.04 5.75
N PRO A 8 1.37 -4.46 6.68
CA PRO A 8 2.81 -4.33 6.40
C PRO A 8 3.39 -5.74 6.34
N LEU A 9 4.60 -5.87 5.83
CA LEU A 9 5.25 -7.19 5.78
C LEU A 9 5.79 -7.46 7.18
N LEU A 10 5.88 -8.74 7.54
CA LEU A 10 6.39 -9.10 8.85
C LEU A 10 7.78 -9.74 8.78
N ALA A 11 8.73 -9.20 9.54
CA ALA A 11 10.08 -9.72 9.57
C ALA A 11 10.54 -9.80 11.03
N THR A 12 11.66 -10.46 11.26
CA THR A 12 12.18 -10.59 12.61
C THR A 12 13.72 -10.48 12.59
N ASP A 13 14.28 -9.81 13.59
CA ASP A 13 15.72 -9.62 13.71
C ASP A 13 16.13 -10.05 15.11
N VAL A 14 17.41 -10.39 15.28
CA VAL A 14 17.86 -10.82 16.59
C VAL A 14 19.16 -10.14 17.01
N ILE A 15 19.20 -9.73 18.27
CA ILE A 15 20.41 -9.13 18.84
C ILE A 15 21.05 -10.34 19.48
N ILE A 16 22.05 -10.90 18.79
CA ILE A 16 22.72 -12.09 19.27
C ILE A 16 23.93 -11.80 20.15
N ARG A 17 23.83 -12.19 21.42
CA ARG A 17 24.94 -12.04 22.36
C ARG A 17 25.78 -13.29 22.14
N LEU A 18 27.01 -13.12 21.64
CA LEU A 18 27.89 -14.25 21.36
C LEU A 18 28.77 -14.56 22.57
N TRP A 19 28.89 -15.84 22.88
CA TRP A 19 29.69 -16.27 24.03
C TRP A 19 30.72 -17.34 23.71
N ASP A 20 31.83 -17.28 24.42
CA ASP A 20 32.89 -18.28 24.31
C ASP A 20 32.96 -18.75 25.75
N GLY A 21 32.07 -19.66 26.10
CA GLY A 21 31.99 -20.17 27.46
C GLY A 21 31.24 -19.11 28.26
N GLU A 22 31.76 -18.75 29.42
CA GLU A 22 31.12 -17.73 30.23
C GLU A 22 31.70 -16.37 29.88
N ASN A 23 32.45 -16.31 28.78
CA ASN A 23 33.06 -15.07 28.32
C ASN A 23 32.27 -14.40 27.22
N PHE A 24 31.71 -13.23 27.54
CA PHE A 24 30.91 -12.45 26.60
C PHE A 24 31.80 -11.79 25.54
N LYS A 25 31.47 -12.02 24.27
CA LYS A 25 32.25 -11.47 23.17
C LYS A 25 31.64 -10.24 22.49
N GLY A 26 30.34 -10.04 22.69
CA GLY A 26 29.66 -8.90 22.08
C GLY A 26 28.50 -9.39 21.24
N ILE A 27 28.11 -8.62 20.24
CA ILE A 27 27.01 -9.06 19.41
C ILE A 27 27.42 -9.27 17.96
N VAL A 28 26.64 -10.10 17.26
CA VAL A 28 26.89 -10.44 15.87
C VAL A 28 26.16 -9.55 14.88
N LEU A 29 26.90 -8.87 14.02
CA LEU A 29 26.31 -8.01 13.01
C LEU A 29 26.61 -8.53 11.61
N ILE A 30 25.79 -8.14 10.64
CA ILE A 30 25.95 -8.60 9.27
C ILE A 30 26.27 -7.48 8.28
N GLU A 31 26.95 -7.88 7.20
CA GLU A 31 27.28 -6.99 6.09
C GLU A 31 26.29 -7.43 5.02
N ARG A 32 25.26 -6.61 4.80
CA ARG A 32 24.22 -6.94 3.83
C ARG A 32 24.72 -7.07 2.40
N LYS A 33 24.38 -8.20 1.79
CA LYS A 33 24.79 -8.51 0.43
C LYS A 33 23.80 -8.00 -0.61
N TYR A 34 22.57 -7.69 -0.19
CA TYR A 34 21.54 -7.22 -1.11
C TYR A 34 21.06 -5.79 -0.87
N PRO A 35 20.32 -5.22 -1.84
CA PRO A 35 19.77 -3.87 -1.82
C PRO A 35 20.08 -2.97 -0.63
N PRO A 36 19.35 -3.05 0.50
CA PRO A 36 19.82 -2.12 1.53
C PRO A 36 21.22 -2.54 1.99
N VAL A 37 22.23 -2.11 1.25
CA VAL A 37 23.62 -2.46 1.56
C VAL A 37 24.20 -1.71 2.76
N GLY A 38 24.86 -2.45 3.64
CA GLY A 38 25.44 -1.84 4.82
C GLY A 38 25.49 -2.80 6.01
N LEU A 39 25.89 -2.27 7.16
CA LEU A 39 25.99 -3.07 8.38
C LEU A 39 24.62 -3.12 9.06
N ALA A 40 24.28 -4.28 9.61
CA ALA A 40 22.98 -4.42 10.26
C ALA A 40 22.86 -5.69 11.09
N LEU A 41 21.77 -5.79 11.84
CA LEU A 41 21.49 -6.97 12.64
C LEU A 41 21.07 -8.06 11.67
N PRO A 42 21.25 -9.32 12.04
CA PRO A 42 20.84 -10.40 11.15
C PRO A 42 19.33 -10.55 11.32
N GLY A 43 18.63 -10.94 10.26
CA GLY A 43 17.19 -11.11 10.35
C GLY A 43 16.59 -11.35 8.99
N GLY A 44 15.30 -11.67 8.95
CA GLY A 44 14.64 -11.93 7.69
C GLY A 44 13.12 -11.94 7.80
N PHE A 45 12.46 -12.19 6.69
CA PHE A 45 11.00 -12.22 6.67
C PHE A 45 10.45 -13.50 7.27
N VAL A 46 9.32 -13.37 7.95
CA VAL A 46 8.66 -14.53 8.54
C VAL A 46 7.87 -15.19 7.41
N GLU A 47 7.95 -16.52 7.32
CA GLU A 47 7.22 -17.21 6.27
C GLU A 47 5.78 -17.47 6.71
N VAL A 48 4.86 -17.49 5.75
CA VAL A 48 3.47 -17.77 6.07
C VAL A 48 3.44 -19.18 6.65
N GLY A 49 2.74 -19.35 7.76
CA GLY A 49 2.65 -20.66 8.39
C GLY A 49 3.79 -20.94 9.35
N GLU A 50 4.66 -19.95 9.54
CA GLU A 50 5.82 -20.09 10.41
C GLU A 50 5.70 -19.18 11.63
N ARG A 51 6.05 -19.70 12.81
CA ARG A 51 5.99 -18.89 14.03
C ARG A 51 7.14 -17.88 14.00
N VAL A 52 6.93 -16.70 14.57
CA VAL A 52 7.99 -15.70 14.56
C VAL A 52 9.30 -16.22 15.14
N GLU A 53 9.22 -16.96 16.25
CA GLU A 53 10.43 -17.48 16.88
C GLU A 53 11.14 -18.51 16.00
N GLU A 54 10.37 -19.22 15.18
CA GLU A 54 10.95 -20.23 14.29
C GLU A 54 11.69 -19.53 13.16
N ALA A 55 11.11 -18.43 12.67
CA ALA A 55 11.73 -17.66 11.60
C ALA A 55 13.03 -17.03 12.08
N ALA A 56 13.06 -16.61 13.34
CA ALA A 56 14.26 -15.99 13.89
C ALA A 56 15.38 -17.02 13.97
N ALA A 57 15.10 -18.18 14.55
CA ALA A 57 16.13 -19.21 14.67
C ALA A 57 16.60 -19.58 13.27
N ARG A 58 15.64 -19.90 12.39
CA ARG A 58 15.96 -20.26 11.01
C ARG A 58 16.83 -19.21 10.35
N GLU A 59 16.39 -17.96 10.43
CA GLU A 59 17.11 -16.86 9.82
C GLU A 59 18.52 -16.70 10.38
N ARG A 61 20.41 -19.24 11.52
CA ARG A 61 21.21 -20.36 11.00
C ARG A 61 21.71 -20.01 9.61
N GLU A 62 20.78 -19.58 8.76
CA GLU A 62 21.08 -19.22 7.39
C GLU A 62 22.14 -18.13 7.24
N GLU A 63 21.95 -17.02 7.95
CA GLU A 63 22.87 -15.90 7.86
C GLU A 63 24.12 -15.90 8.73
N THR A 64 24.08 -16.53 9.89
CA THR A 64 25.23 -16.53 10.78
C THR A 64 25.75 -17.93 11.11
N GLY A 65 25.00 -18.95 10.68
CA GLY A 65 25.40 -20.31 10.96
C GLY A 65 25.36 -20.66 12.44
N LEU A 66 24.86 -19.73 13.26
CA LEU A 66 24.77 -19.95 14.70
C LEU A 66 23.45 -20.55 15.15
N GLU A 67 23.51 -21.31 16.24
CA GLU A 67 22.33 -21.92 16.82
C GLU A 67 21.98 -20.98 17.97
N VAL A 68 20.99 -20.12 17.74
CA VAL A 68 20.59 -19.12 18.74
C VAL A 68 19.37 -19.44 19.57
N ARG A 69 19.54 -19.33 20.88
CA ARG A 69 18.45 -19.58 21.83
C ARG A 69 17.88 -18.19 22.15
N LEU A 70 16.62 -17.97 21.77
CA LEU A 70 15.98 -16.68 22.04
C LEU A 70 15.82 -16.48 23.53
N HIS A 71 16.12 -15.27 24.00
CA HIS A 71 16.02 -14.99 25.43
C HIS A 71 14.84 -14.10 25.78
N LYS A 72 14.65 -13.05 25.00
CA LYS A 72 13.56 -12.13 25.30
C LYS A 72 13.07 -11.34 24.10
N LEU A 73 11.77 -11.07 24.10
CA LEU A 73 11.16 -10.26 23.06
C LEU A 73 11.67 -8.88 23.45
N GLY A 75 11.47 -5.78 21.24
CA GLY A 75 10.60 -4.73 20.78
C GLY A 75 10.03 -4.99 19.40
N VAL A 76 9.11 -4.13 18.98
CA VAL A 76 8.51 -4.24 17.66
C VAL A 76 8.70 -2.87 17.02
N TYR A 77 9.42 -2.83 15.90
CA TYR A 77 9.69 -1.55 15.23
C TYR A 77 8.89 -1.47 13.93
N SER A 78 8.11 -0.41 13.80
CA SER A 78 7.25 -0.28 12.63
C SER A 78 7.20 1.09 11.95
N ASP A 79 8.17 1.95 12.19
CA ASP A 79 8.16 3.25 11.52
C ASP A 79 8.07 2.94 10.02
N PRO A 80 7.11 3.57 9.33
CA PRO A 80 6.87 3.38 7.89
C PRO A 80 8.11 3.39 6.98
N GLU A 81 9.08 4.26 7.29
CA GLU A 81 10.27 4.37 6.47
C GLU A 81 11.51 3.64 6.98
N ARG A 82 11.34 2.66 7.87
CA ARG A 82 12.49 1.93 8.41
C ARG A 82 13.13 0.95 7.43
N ASP A 83 12.34 0.44 6.48
CA ASP A 83 12.86 -0.50 5.49
C ASP A 83 12.54 -0.01 4.09
N PRO A 84 13.56 0.34 3.30
CA PRO A 84 13.43 0.85 1.93
C PRO A 84 12.70 -0.04 0.92
N ARG A 85 12.72 -1.34 1.15
CA ARG A 85 12.09 -2.28 0.23
C ARG A 85 10.56 -2.24 0.23
N ALA A 86 9.97 -1.95 1.39
CA ALA A 86 8.53 -1.89 1.55
C ALA A 86 8.26 -1.58 3.01
N HIS A 87 7.00 -1.52 3.41
CA HIS A 87 6.71 -1.26 4.82
C HIS A 87 6.90 -2.60 5.50
N VAL A 88 7.96 -2.69 6.30
CA VAL A 88 8.29 -3.91 7.00
C VAL A 88 8.32 -3.65 8.50
N VAL A 89 7.57 -4.45 9.24
CA VAL A 89 7.54 -4.32 10.69
C VAL A 89 8.45 -5.44 11.20
N SER A 90 9.36 -5.11 12.11
CA SER A 90 10.25 -6.12 12.64
C SER A 90 10.07 -6.42 14.11
N VAL A 91 10.00 -7.71 14.42
CA VAL A 91 9.89 -8.17 15.81
C VAL A 91 11.34 -8.44 16.18
N VAL A 92 11.86 -7.67 17.13
CA VAL A 92 13.27 -7.84 17.53
C VAL A 92 13.43 -8.64 18.81
N TRP A 93 14.31 -9.65 18.73
CA TRP A 93 14.59 -10.51 19.87
C TRP A 93 16.03 -10.32 20.33
N ILE A 94 16.29 -10.78 21.55
CA ILE A 94 17.63 -10.76 22.10
C ILE A 94 17.86 -12.25 22.33
N GLY A 95 18.98 -12.77 21.85
CA GLY A 95 19.27 -14.18 22.02
C GLY A 95 20.73 -14.41 22.38
N ASP A 96 21.10 -15.66 22.63
CA ASP A 96 22.47 -16.01 23.00
C ASP A 96 22.94 -17.20 22.19
N ALA A 97 24.25 -17.27 21.94
CA ALA A 97 24.81 -18.37 21.18
C ALA A 97 26.30 -18.60 21.48
N GLN A 98 26.72 -19.83 21.27
CA GLN A 98 28.11 -20.24 21.46
C GLN A 98 28.58 -20.57 20.03
N GLY A 99 29.88 -20.74 19.84
CA GLY A 99 30.35 -21.08 18.51
C GLY A 99 30.96 -19.98 17.66
N GLU A 100 31.29 -20.36 16.42
CA GLU A 100 31.92 -19.47 15.46
C GLU A 100 30.96 -19.08 14.32
N PRO A 101 30.73 -17.77 14.13
CA PRO A 101 29.84 -17.24 13.09
C PRO A 101 30.31 -17.56 11.66
N LYS A 102 29.36 -17.89 10.79
CA LYS A 102 29.66 -18.20 9.39
C LYS A 102 28.64 -17.50 8.50
N ALA A 103 29.11 -16.58 7.66
CA ALA A 103 28.24 -15.81 6.77
C ALA A 103 27.48 -16.70 5.78
N GLY A 104 26.42 -16.15 5.21
CA GLY A 104 25.62 -16.88 4.24
C GLY A 104 24.34 -16.15 3.86
N SER A 105 23.74 -16.53 2.74
CA SER A 105 22.52 -15.91 2.25
C SER A 105 22.68 -14.40 2.02
N ASP A 106 21.74 -13.63 2.55
CA ASP A 106 21.78 -12.17 2.40
C ASP A 106 23.00 -11.54 3.05
N ALA A 107 23.77 -12.35 3.77
CA ALA A 107 24.96 -11.87 4.46
C ALA A 107 26.24 -12.19 3.70
N LYS A 108 26.97 -11.16 3.28
CA LYS A 108 28.22 -11.36 2.56
C LYS A 108 29.36 -11.43 3.55
N LYS A 109 29.12 -10.92 4.76
CA LYS A 109 30.10 -10.94 5.83
C LYS A 109 29.42 -10.94 7.19
N VAL A 110 29.94 -11.75 8.11
CA VAL A 110 29.41 -11.85 9.47
C VAL A 110 30.56 -11.61 10.44
N LYS A 111 30.30 -10.87 11.51
CA LYS A 111 31.34 -10.58 12.48
C LYS A 111 30.82 -10.14 13.83
N VAL A 112 31.66 -10.33 14.84
CA VAL A 112 31.32 -9.97 16.20
C VAL A 112 31.87 -8.59 16.53
N TYR A 113 31.10 -7.82 17.29
CA TYR A 113 31.52 -6.48 17.69
C TYR A 113 31.34 -6.32 19.18
N ARG A 114 32.35 -5.75 19.84
CA ARG A 114 32.23 -5.51 21.26
C ARG A 114 31.16 -4.42 21.33
N LEU A 115 30.34 -4.44 22.37
CA LEU A 115 29.28 -3.45 22.50
C LEU A 115 29.78 -2.02 22.53
N GLU A 116 31.05 -1.86 22.89
CA GLU A 116 31.66 -0.53 22.97
C GLU A 116 32.29 -0.16 21.63
N GLU A 117 32.31 -1.10 20.69
CA GLU A 117 32.93 -0.87 19.40
C GLU A 117 32.03 -1.03 18.18
N ILE A 118 30.75 -0.69 18.34
CA ILE A 118 29.82 -0.82 17.22
C ILE A 118 29.77 0.51 16.46
N PRO A 119 30.10 0.48 15.16
CA PRO A 119 30.07 1.69 14.33
C PRO A 119 28.63 2.06 14.00
N LEU A 120 27.96 2.68 14.98
CA LEU A 120 26.56 3.07 14.85
C LEU A 120 26.16 3.78 13.56
N ASP A 121 27.05 4.61 13.01
CA ASP A 121 26.73 5.34 11.80
C ASP A 121 26.76 4.55 10.49
N LYS A 122 27.24 3.31 10.52
CA LYS A 122 27.28 2.49 9.32
C LYS A 122 26.07 1.55 9.25
N LEU A 123 25.27 1.58 10.30
CA LEU A 123 24.08 0.72 10.37
C LEU A 123 22.99 1.22 9.42
N VAL A 124 22.37 0.28 8.70
CA VAL A 124 21.30 0.64 7.78
C VAL A 124 19.95 0.36 8.44
N PHE A 125 18.86 0.58 7.71
CA PHE A 125 17.51 0.41 8.26
C PHE A 125 17.45 1.38 9.43
N ASP A 126 16.83 0.96 10.52
CA ASP A 126 16.71 1.78 11.72
C ASP A 126 17.48 1.07 12.82
N HIS A 127 18.39 0.18 12.42
CA HIS A 127 19.17 -0.61 13.36
C HIS A 127 20.00 0.19 14.37
N LYS A 128 20.32 1.44 14.05
CA LYS A 128 21.07 2.25 15.00
C LYS A 128 20.18 2.53 16.20
N LYS A 129 18.92 2.89 15.93
CA LYS A 129 17.97 3.18 16.99
C LYS A 129 17.71 1.92 17.83
N ILE A 130 17.53 0.79 17.14
CA ILE A 130 17.28 -0.47 17.82
C ILE A 130 18.43 -0.85 18.74
N ILE A 131 19.65 -0.80 18.22
CA ILE A 131 20.82 -1.13 19.00
C ILE A 131 21.02 -0.16 20.16
N LEU A 132 20.77 1.12 19.93
CA LEU A 132 20.91 2.09 21.01
C LEU A 132 19.89 1.76 22.10
N ASP A 133 18.69 1.34 21.70
CA ASP A 133 17.66 0.96 22.66
C ASP A 133 18.17 -0.24 23.46
N PHE A 134 18.83 -1.16 22.77
CA PHE A 134 19.37 -2.35 23.43
C PHE A 134 20.47 -1.99 24.43
N LEU A 135 21.42 -1.16 24.00
CA LEU A 135 22.51 -0.76 24.89
C LEU A 135 22.02 0.01 26.11
N LYS A 136 20.95 0.77 25.95
CA LYS A 136 20.41 1.59 27.04
C LYS A 136 19.40 0.85 27.91
N GLY A 137 19.04 -0.37 27.52
CA GLY A 137 18.08 -1.12 28.30
C GLY A 137 16.68 -0.55 28.14
N ASN A 138 16.45 0.14 27.03
CA ASN A 138 15.16 0.74 26.76
C ASN A 138 14.20 -0.27 26.15
N TYR A 139 13.80 -1.25 26.97
CA TYR A 139 12.86 -2.28 26.56
C TYR A 139 12.39 -3.05 27.79
N GLY B 2 6.84 -5.90 -8.01
CA GLY B 2 6.29 -5.31 -6.77
C GLY B 2 6.64 -6.11 -5.53
N PHE B 3 7.94 -6.19 -5.24
CA PHE B 3 8.45 -6.94 -4.11
C PHE B 3 7.62 -8.20 -3.84
N ASN B 4 7.94 -9.26 -4.56
CA ASN B 4 7.22 -10.52 -4.47
C ASN B 4 7.53 -11.35 -3.22
N VAL B 5 7.21 -10.80 -2.05
CA VAL B 5 7.44 -11.50 -0.79
C VAL B 5 6.14 -11.57 0.00
N LYS B 6 5.79 -12.77 0.45
CA LYS B 6 4.57 -12.95 1.23
C LYS B 6 4.91 -13.35 2.65
N THR B 7 4.31 -12.66 3.61
CA THR B 7 4.54 -12.96 5.03
C THR B 7 3.18 -13.04 5.70
N PRO B 8 3.14 -13.42 6.98
CA PRO B 8 1.84 -13.49 7.64
C PRO B 8 1.27 -12.07 7.68
N LEU B 9 -0.03 -11.96 7.93
CA LEU B 9 -0.67 -10.65 8.03
C LEU B 9 -0.34 -10.11 9.43
N LEU B 10 -0.31 -8.79 9.57
CA LEU B 10 0.01 -8.18 10.86
C LEU B 10 -1.17 -7.53 11.54
N ALA B 11 -1.41 -7.91 12.78
CA ALA B 11 -2.51 -7.36 13.55
C ALA B 11 -2.01 -6.96 14.94
N THR B 12 -2.86 -6.29 15.71
CA THR B 12 -2.49 -5.89 17.04
C THR B 12 -3.72 -5.86 17.92
N ASP B 13 -3.58 -6.37 19.14
CA ASP B 13 -4.68 -6.41 20.10
C ASP B 13 -4.21 -5.77 21.38
N VAL B 14 -5.16 -5.33 22.21
CA VAL B 14 -4.81 -4.67 23.46
C VAL B 14 -5.58 -5.19 24.66
N ILE B 15 -4.84 -5.42 25.74
CA ILE B 15 -5.43 -5.85 26.99
C ILE B 15 -5.58 -4.52 27.70
N ILE B 16 -6.83 -4.04 27.80
CA ILE B 16 -7.12 -2.77 28.43
C ILE B 16 -7.50 -2.85 29.89
N ARG B 17 -6.62 -2.39 30.77
CA ARG B 17 -6.96 -2.38 32.19
C ARG B 17 -7.82 -1.13 32.32
N LEU B 18 -9.10 -1.31 32.65
CA LEU B 18 -10.02 -0.18 32.80
C LEU B 18 -10.07 0.30 34.23
N TRP B 19 -10.07 1.61 34.41
CA TRP B 19 -10.10 2.20 35.73
C TRP B 19 -11.21 3.22 35.92
N ASP B 20 -11.62 3.37 37.17
CA ASP B 20 -12.63 4.34 37.58
C ASP B 20 -11.92 5.01 38.74
N GLY B 21 -11.00 5.93 38.43
CA GLY B 21 -10.23 6.58 39.47
C GLY B 21 -9.09 5.65 39.85
N GLU B 22 -8.93 5.40 41.15
CA GLU B 22 -7.88 4.49 41.61
C GLU B 22 -8.48 3.10 41.69
N ASN B 23 -9.74 2.99 41.29
CA ASN B 23 -10.46 1.72 41.30
C ASN B 23 -10.30 0.95 40.01
N PHE B 24 -9.70 -0.23 40.10
CA PHE B 24 -9.48 -1.10 38.95
C PHE B 24 -10.78 -1.86 38.72
N LYS B 25 -11.26 -1.86 37.47
CA LYS B 25 -12.52 -2.52 37.14
C LYS B 25 -12.39 -3.85 36.40
N GLY B 26 -11.23 -4.10 35.80
CA GLY B 26 -11.05 -5.33 35.07
C GLY B 26 -10.57 -5.07 33.64
N ILE B 27 -10.96 -5.96 32.74
CA ILE B 27 -10.54 -5.88 31.34
C ILE B 27 -11.71 -5.61 30.39
N VAL B 28 -11.42 -4.94 29.28
CA VAL B 28 -12.42 -4.61 28.28
C VAL B 28 -12.38 -5.65 27.17
N LEU B 29 -13.48 -6.38 26.99
CA LEU B 29 -13.56 -7.40 25.96
C LEU B 29 -14.66 -7.09 24.96
N ILE B 30 -14.64 -7.79 23.83
CA ILE B 30 -15.61 -7.57 22.77
C ILE B 30 -16.38 -8.84 22.42
N GLU B 31 -17.69 -8.73 22.28
CA GLU B 31 -18.51 -9.86 21.91
C GLU B 31 -18.75 -9.75 20.41
N ARG B 32 -18.03 -10.55 19.64
CA ARG B 32 -18.14 -10.54 18.18
C ARG B 32 -19.40 -11.24 17.68
N LYS B 33 -20.03 -10.66 16.66
CA LYS B 33 -21.22 -11.23 16.07
C LYS B 33 -20.83 -11.93 14.78
N TYR B 34 -19.73 -11.47 14.17
CA TYR B 34 -19.22 -12.05 12.94
C TYR B 34 -18.18 -13.11 13.26
N PRO B 35 -18.07 -14.14 12.41
CA PRO B 35 -17.11 -15.23 12.60
C PRO B 35 -15.65 -14.77 12.63
N PRO B 36 -14.89 -15.21 13.64
CA PRO B 36 -15.31 -16.08 14.74
C PRO B 36 -16.27 -15.42 15.72
N VAL B 37 -17.39 -16.09 16.01
CA VAL B 37 -18.38 -15.59 16.94
C VAL B 37 -17.94 -15.93 18.35
N GLY B 38 -17.84 -14.91 19.20
CA GLY B 38 -17.43 -15.16 20.57
C GLY B 38 -16.80 -13.94 21.24
N LEU B 39 -16.25 -14.15 22.42
CA LEU B 39 -15.61 -13.08 23.19
C LEU B 39 -14.17 -12.91 22.72
N ALA B 40 -13.73 -11.67 22.62
CA ALA B 40 -12.37 -11.42 22.15
C ALA B 40 -11.79 -10.12 22.66
N LEU B 41 -10.47 -10.02 22.57
CA LEU B 41 -9.77 -8.81 22.95
C LEU B 41 -10.05 -7.81 21.84
N PRO B 42 -10.08 -6.52 22.16
CA PRO B 42 -10.33 -5.53 21.11
C PRO B 42 -9.03 -5.43 20.30
N GLY B 43 -9.15 -5.33 18.99
CA GLY B 43 -7.96 -5.23 18.17
C GLY B 43 -8.28 -5.26 16.69
N GLY B 44 -7.25 -5.19 15.85
CA GLY B 44 -7.48 -5.21 14.42
C GLY B 44 -6.20 -5.30 13.63
N PHE B 45 -6.36 -5.29 12.31
CA PHE B 45 -5.22 -5.38 11.41
C PHE B 45 -4.45 -4.06 11.35
N VAL B 46 -3.15 -4.15 11.13
CA VAL B 46 -2.31 -2.97 11.03
C VAL B 46 -2.33 -2.60 9.55
N GLU B 47 -2.56 -1.32 9.27
CA GLU B 47 -2.61 -0.87 7.88
C GLU B 47 -1.22 -0.56 7.35
N VAL B 48 -1.05 -0.68 6.03
CA VAL B 48 0.23 -0.38 5.42
C VAL B 48 0.49 1.10 5.67
N GLY B 49 1.74 1.44 5.98
CA GLY B 49 2.11 2.83 6.24
C GLY B 49 1.72 3.31 7.62
N GLU B 50 1.29 2.39 8.48
CA GLU B 50 0.87 2.74 9.83
C GLU B 50 1.73 2.06 10.90
N ARG B 51 2.07 2.77 11.97
CA ARG B 51 2.86 2.20 13.04
C ARG B 51 1.94 1.28 13.87
N VAL B 52 2.51 0.22 14.46
CA VAL B 52 1.71 -0.69 15.25
C VAL B 52 0.98 0.02 16.40
N GLU B 53 1.68 0.89 17.12
CA GLU B 53 1.08 1.61 18.23
C GLU B 53 -0.07 2.50 17.75
N GLU B 54 0.03 3.01 16.53
CA GLU B 54 -1.02 3.86 15.98
C GLU B 54 -2.23 3.01 15.61
N ALA B 55 -1.98 1.81 15.07
CA ALA B 55 -3.07 0.92 14.70
C ALA B 55 -3.84 0.48 15.96
N ALA B 56 -3.09 0.24 17.03
CA ALA B 56 -3.69 -0.18 18.29
C ALA B 56 -4.57 0.94 18.83
N ALA B 57 -4.02 2.16 18.86
CA ALA B 57 -4.74 3.32 19.36
C ALA B 57 -6.00 3.57 18.54
N ARG B 58 -5.88 3.42 17.22
CA ARG B 58 -7.03 3.64 16.34
C ARG B 58 -8.10 2.59 16.60
N GLU B 59 -7.69 1.32 16.66
CA GLU B 59 -8.64 0.25 16.91
C GLU B 59 -9.35 0.41 18.24
N ARG B 61 -10.12 3.24 19.94
CA ARG B 61 -11.13 4.29 19.86
C ARG B 61 -12.32 3.80 19.05
N GLU B 62 -12.01 3.09 17.97
CA GLU B 62 -13.01 2.55 17.07
C GLU B 62 -13.88 1.45 17.70
N GLU B 63 -13.24 0.50 18.38
CA GLU B 63 -13.97 -0.59 18.99
C GLU B 63 -14.50 -0.40 20.40
N THR B 64 -13.80 0.38 21.22
CA THR B 64 -14.24 0.59 22.59
C THR B 64 -14.56 2.04 22.91
N GLY B 65 -14.19 2.94 22.00
CA GLY B 65 -14.44 4.35 22.21
C GLY B 65 -13.61 4.90 23.36
N LEU B 66 -12.60 4.14 23.75
CA LEU B 66 -11.73 4.55 24.85
C LEU B 66 -10.43 5.18 24.35
N GLU B 67 -9.86 6.03 25.18
CA GLU B 67 -8.59 6.68 24.89
C GLU B 67 -7.63 5.88 25.76
N VAL B 68 -6.99 4.88 25.14
CA VAL B 68 -6.08 3.99 25.85
C VAL B 68 -4.62 4.38 25.75
N ARG B 69 -3.95 4.40 26.89
CA ARG B 69 -2.52 4.72 26.92
C ARG B 69 -1.77 3.39 26.99
N LEU B 70 -1.05 3.04 25.92
CA LEU B 70 -0.30 1.79 25.90
C LEU B 70 0.74 1.85 27.00
N HIS B 71 0.90 0.73 27.71
CA HIS B 71 1.82 0.68 28.83
C HIS B 71 3.00 -0.27 28.64
N LYS B 72 2.77 -1.37 27.95
CA LYS B 72 3.82 -2.37 27.77
C LYS B 72 3.60 -3.27 26.57
N LEU B 73 4.68 -3.59 25.88
CA LEU B 73 4.61 -4.52 24.76
C LEU B 73 4.54 -5.83 25.55
N GLY B 75 3.53 -9.17 24.17
CA GLY B 75 3.97 -10.32 23.43
C GLY B 75 3.55 -10.33 21.97
N VAL B 76 4.03 -11.32 21.24
CA VAL B 76 3.71 -11.48 19.83
C VAL B 76 3.25 -12.92 19.68
N TYR B 77 2.04 -13.11 19.16
CA TYR B 77 1.49 -14.44 18.98
C TYR B 77 1.41 -14.80 17.52
N SER B 78 2.02 -15.92 17.15
CA SER B 78 2.04 -16.31 15.75
C SER B 78 1.74 -17.78 15.45
N ASP B 79 1.03 -18.46 16.33
CA ASP B 79 0.68 -19.85 16.08
C ASP B 79 -0.03 -19.84 14.72
N PRO B 80 0.39 -20.71 13.79
CA PRO B 80 -0.21 -20.79 12.46
C PRO B 80 -1.73 -20.90 12.41
N GLU B 81 -2.31 -21.58 13.40
CA GLU B 81 -3.76 -21.76 13.43
C GLU B 81 -4.51 -20.79 14.34
N ARG B 82 -3.80 -19.83 14.93
CA ARG B 82 -4.47 -18.90 15.84
C ARG B 82 -5.65 -18.15 15.24
N ASP B 83 -5.57 -17.81 13.96
CA ASP B 83 -6.64 -17.08 13.28
C ASP B 83 -7.11 -17.95 12.11
N PRO B 84 -8.41 -18.29 12.05
CA PRO B 84 -8.92 -19.13 10.97
C PRO B 84 -8.99 -18.49 9.58
N ARG B 85 -9.09 -17.16 9.55
CA ARG B 85 -9.19 -16.44 8.28
C ARG B 85 -7.92 -16.51 7.43
N ALA B 86 -6.77 -16.42 8.09
CA ALA B 86 -5.49 -16.48 7.42
C ALA B 86 -4.42 -16.51 8.51
N HIS B 87 -3.16 -16.74 8.13
CA HIS B 87 -2.11 -16.74 9.16
C HIS B 87 -1.93 -15.30 9.56
N VAL B 88 -2.38 -14.97 10.77
CA VAL B 88 -2.27 -13.62 11.29
C VAL B 88 -1.41 -13.63 12.53
N VAL B 89 -0.48 -12.69 12.61
CA VAL B 89 0.41 -12.55 13.76
C VAL B 89 -0.05 -11.31 14.51
N SER B 90 -0.23 -11.45 15.81
CA SER B 90 -0.68 -10.32 16.60
C SER B 90 0.32 -9.77 17.62
N VAL B 91 0.46 -8.45 17.62
CA VAL B 91 1.34 -7.76 18.56
C VAL B 91 0.39 -7.32 19.66
N VAL B 92 0.54 -7.92 20.84
CA VAL B 92 -0.34 -7.61 21.97
C VAL B 92 0.26 -6.61 22.95
N TRP B 93 -0.52 -5.60 23.30
CA TRP B 93 -0.09 -4.58 24.24
C TRP B 93 -0.96 -4.61 25.49
N ILE B 94 -0.43 -4.06 26.58
CA ILE B 94 -1.20 -3.92 27.80
C ILE B 94 -1.35 -2.41 27.89
N GLY B 95 -2.57 -1.92 28.10
CA GLY B 95 -2.80 -0.50 28.21
C GLY B 95 -3.74 -0.19 29.36
N ASP B 96 -4.00 1.09 29.60
CA ASP B 96 -4.90 1.52 30.67
C ASP B 96 -5.84 2.59 30.14
N ALA B 97 -7.02 2.70 30.73
CA ALA B 97 -7.98 3.70 30.28
C ALA B 97 -8.92 4.11 31.40
N GLN B 98 -9.43 5.32 31.28
CA GLN B 98 -10.39 5.88 32.23
C GLN B 98 -11.66 6.07 31.43
N GLY B 99 -12.78 6.32 32.10
CA GLY B 99 -14.03 6.56 31.40
C GLY B 99 -14.88 5.35 31.06
N GLU B 100 -15.97 5.60 30.34
CA GLU B 100 -16.90 4.56 29.94
C GLU B 100 -16.77 4.18 28.47
N PRO B 101 -16.59 2.88 28.18
CA PRO B 101 -16.44 2.40 26.81
C PRO B 101 -17.79 2.26 26.11
N LYS B 102 -17.74 2.07 24.79
CA LYS B 102 -18.95 1.88 24.01
C LYS B 102 -18.62 1.47 22.58
N ALA B 103 -19.31 0.43 22.12
CA ALA B 103 -19.13 -0.13 20.79
C ALA B 103 -19.21 0.90 19.67
N GLY B 104 -18.49 0.64 18.60
CA GLY B 104 -18.52 1.53 17.45
C GLY B 104 -19.48 0.93 16.45
N SER B 105 -19.98 -0.26 16.78
CA SER B 105 -20.92 -0.98 15.94
C SER B 105 -21.60 -2.07 16.78
N ASP B 106 -22.87 -2.32 16.50
CA ASP B 106 -23.64 -3.33 17.23
C ASP B 106 -23.10 -4.72 16.97
N ALA B 107 -22.17 -4.83 16.03
CA ALA B 107 -21.56 -6.11 15.69
C ALA B 107 -20.43 -6.42 16.67
N LYS B 108 -20.04 -5.40 17.43
CA LYS B 108 -18.97 -5.52 18.41
C LYS B 108 -19.38 -4.90 19.73
N LYS B 109 -20.19 -5.61 20.51
CA LYS B 109 -20.64 -5.09 21.80
C LYS B 109 -19.50 -5.15 22.82
N VAL B 110 -19.31 -4.06 23.55
CA VAL B 110 -18.25 -3.98 24.55
C VAL B 110 -18.72 -4.44 25.93
N LYS B 111 -17.86 -5.13 26.65
CA LYS B 111 -18.20 -5.63 27.97
C LYS B 111 -16.97 -5.57 28.87
N VAL B 112 -17.17 -5.18 30.12
CA VAL B 112 -16.08 -5.10 31.07
C VAL B 112 -16.19 -6.30 32.00
N TYR B 113 -15.09 -7.03 32.15
CA TYR B 113 -15.06 -8.22 32.98
C TYR B 113 -14.01 -8.14 34.07
N ARG B 114 -14.38 -8.57 35.28
CA ARG B 114 -13.41 -8.60 36.36
C ARG B 114 -12.49 -9.72 35.91
N LEU B 115 -11.21 -9.63 36.25
CA LEU B 115 -10.25 -10.65 35.82
C LEU B 115 -10.60 -12.04 36.32
N GLU B 116 -11.28 -12.11 37.44
CA GLU B 116 -11.67 -13.37 38.05
C GLU B 116 -12.94 -13.97 37.43
N GLU B 117 -13.65 -13.17 36.64
CA GLU B 117 -14.90 -13.65 36.06
C GLU B 117 -14.94 -13.74 34.54
N ILE B 118 -13.76 -13.83 33.92
CA ILE B 118 -13.71 -13.93 32.46
C ILE B 118 -14.07 -15.35 32.02
N PRO B 119 -15.07 -15.49 31.13
CA PRO B 119 -15.48 -16.81 30.66
C PRO B 119 -14.48 -17.27 29.60
N LEU B 120 -13.35 -17.80 30.07
CA LEU B 120 -12.27 -18.27 29.21
C LEU B 120 -12.74 -19.18 28.09
N ASP B 121 -13.78 -19.97 28.36
CA ASP B 121 -14.30 -20.90 27.36
C ASP B 121 -14.99 -20.22 26.19
N LYS B 122 -15.41 -18.98 26.38
CA LYS B 122 -16.09 -18.23 25.32
C LYS B 122 -15.16 -17.38 24.45
N LEU B 123 -13.87 -17.37 24.77
CA LEU B 123 -12.90 -16.59 24.01
C LEU B 123 -12.56 -17.28 22.69
N VAL B 124 -12.45 -16.52 21.61
CA VAL B 124 -12.11 -17.10 20.32
C VAL B 124 -10.64 -16.82 19.97
N PHE B 125 -10.24 -17.21 18.76
CA PHE B 125 -8.85 -17.07 18.32
C PHE B 125 -8.04 -17.79 19.40
N ASP B 126 -6.88 -17.26 19.73
CA ASP B 126 -6.04 -17.86 20.76
C ASP B 126 -6.04 -16.93 21.98
N HIS B 127 -7.08 -16.09 22.06
CA HIS B 127 -7.16 -15.14 23.15
C HIS B 127 -7.24 -15.75 24.55
N LYS B 128 -7.59 -17.04 24.66
CA LYS B 128 -7.60 -17.64 25.99
C LYS B 128 -6.13 -17.74 26.39
N LYS B 129 -5.30 -18.20 25.45
CA LYS B 129 -3.86 -18.33 25.68
C LYS B 129 -3.27 -16.97 26.05
N ILE B 130 -3.64 -15.93 25.31
CA ILE B 130 -3.13 -14.59 25.56
C ILE B 130 -3.56 -14.06 26.92
N ILE B 131 -4.84 -14.19 27.24
CA ILE B 131 -5.33 -13.69 28.52
C ILE B 131 -4.71 -14.44 29.72
N LEU B 132 -4.54 -15.75 29.59
CA LEU B 132 -3.92 -16.49 30.67
C LEU B 132 -2.47 -16.07 30.84
N ASP B 133 -1.76 -15.82 29.73
CA ASP B 133 -0.37 -15.38 29.83
C ASP B 133 -0.33 -14.07 30.60
N PHE B 134 -1.28 -13.20 30.32
CA PHE B 134 -1.36 -11.92 31.00
C PHE B 134 -1.60 -12.11 32.48
N LEU B 135 -2.62 -12.90 32.83
CA LEU B 135 -2.95 -13.16 34.23
C LEU B 135 -1.82 -13.82 35.01
N LYS B 136 -1.05 -14.67 34.34
CA LYS B 136 0.07 -15.35 34.98
C LYS B 136 1.36 -14.52 34.93
N GLY B 137 1.28 -13.35 34.30
CA GLY B 137 2.46 -12.51 34.19
C GLY B 137 3.56 -13.12 33.34
N ASN B 138 3.17 -13.99 32.40
CA ASN B 138 4.13 -14.63 31.51
C ASN B 138 4.50 -13.75 30.32
N TYR B 139 5.24 -12.68 30.60
CA TYR B 139 5.67 -11.76 29.56
C TYR B 139 6.74 -10.83 30.13
N PHE C 3 17.13 7.14 -12.43
CA PHE C 3 16.02 8.01 -12.93
C PHE C 3 15.18 8.47 -11.74
N ASN C 4 14.97 9.78 -11.63
CA ASN C 4 14.19 10.30 -10.52
C ASN C 4 13.39 11.58 -10.79
N VAL C 5 12.54 11.54 -11.82
CA VAL C 5 11.72 12.70 -12.13
C VAL C 5 10.48 12.63 -11.24
N LYS C 6 9.94 13.79 -10.87
CA LYS C 6 8.76 13.81 -10.01
C LYS C 6 7.52 14.24 -10.80
N THR C 7 6.43 13.49 -10.63
CA THR C 7 5.17 13.78 -11.30
C THR C 7 4.05 13.68 -10.28
N PRO C 8 2.80 13.98 -10.68
CA PRO C 8 1.72 13.87 -9.69
C PRO C 8 1.57 12.40 -9.26
N LEU C 9 0.81 12.16 -8.20
CA LEU C 9 0.56 10.80 -7.75
C LEU C 9 -0.57 10.23 -8.60
N LEU C 10 -0.51 8.92 -8.88
CA LEU C 10 -1.52 8.26 -9.70
C LEU C 10 -2.44 7.37 -8.89
N ALA C 11 -3.74 7.58 -9.06
CA ALA C 11 -4.75 6.81 -8.36
C ALA C 11 -5.83 6.44 -9.36
N THR C 12 -6.78 5.64 -8.91
CA THR C 12 -7.85 5.25 -9.79
C THR C 12 -9.10 4.97 -8.98
N ASP C 13 -10.23 5.44 -9.49
CA ASP C 13 -11.50 5.25 -8.81
C ASP C 13 -12.42 4.56 -9.79
N VAL C 14 -13.46 3.93 -9.27
CA VAL C 14 -14.38 3.21 -10.14
C VAL C 14 -15.83 3.46 -9.80
N ILE C 15 -16.62 3.70 -10.85
CA ILE C 15 -18.04 3.89 -10.67
C ILE C 15 -18.58 2.49 -10.94
N ILE C 16 -18.93 1.78 -9.87
CA ILE C 16 -19.44 0.42 -9.98
C ILE C 16 -20.95 0.34 -10.12
N ARG C 17 -21.43 -0.14 -11.26
CA ARG C 17 -22.87 -0.32 -11.44
C ARG C 17 -23.12 -1.69 -10.82
N LEU C 18 -23.91 -1.74 -9.76
CA LEU C 18 -24.22 -3.01 -9.10
C LEU C 18 -25.48 -3.62 -9.67
N TRP C 19 -25.44 -4.94 -9.87
CA TRP C 19 -26.58 -5.65 -10.40
C TRP C 19 -26.96 -6.87 -9.57
N ASP C 20 -28.21 -7.29 -9.73
CA ASP C 20 -28.72 -8.50 -9.10
C ASP C 20 -29.41 -9.14 -10.30
N GLY C 21 -28.65 -9.91 -11.08
CA GLY C 21 -29.22 -10.53 -12.27
C GLY C 21 -29.26 -9.44 -13.32
N GLU C 22 -30.42 -9.25 -13.95
CA GLU C 22 -30.52 -8.18 -14.94
C GLU C 22 -31.17 -6.95 -14.32
N ASN C 23 -31.27 -6.94 -12.99
CA ASN C 23 -31.86 -5.81 -12.27
C ASN C 23 -30.78 -4.86 -11.77
N PHE C 24 -30.75 -3.66 -12.36
CA PHE C 24 -29.77 -2.64 -11.99
C PHE C 24 -30.15 -2.09 -10.61
N LYS C 25 -29.17 -1.99 -9.71
CA LYS C 25 -29.42 -1.51 -8.35
C LYS C 25 -28.92 -0.09 -8.04
N GLY C 26 -28.01 0.42 -8.86
CA GLY C 26 -27.45 1.74 -8.64
C GLY C 26 -25.94 1.67 -8.62
N ILE C 27 -25.27 2.61 -7.96
CA ILE C 27 -23.82 2.55 -7.89
C ILE C 27 -23.34 2.40 -6.47
N VAL C 28 -22.15 1.84 -6.31
CA VAL C 28 -21.58 1.58 -5.00
C VAL C 28 -20.71 2.72 -4.48
N LEU C 29 -21.12 3.27 -3.35
CA LEU C 29 -20.39 4.36 -2.73
C LEU C 29 -19.93 3.93 -1.35
N ILE C 30 -18.85 4.53 -0.87
CA ILE C 30 -18.34 4.19 0.45
C ILE C 30 -18.31 5.42 1.35
N GLU C 31 -18.36 5.18 2.65
CA GLU C 31 -18.26 6.26 3.61
C GLU C 31 -16.85 6.10 4.12
N ARG C 32 -15.99 7.06 3.78
CA ARG C 32 -14.59 7.01 4.15
C ARG C 32 -14.35 7.10 5.65
N LYS C 33 -13.30 6.42 6.11
CA LYS C 33 -12.93 6.41 7.52
C LYS C 33 -12.09 7.63 7.87
N TYR C 34 -11.13 7.95 6.99
CA TYR C 34 -10.21 9.06 7.23
C TYR C 34 -10.52 10.34 6.46
N PRO C 35 -10.11 11.49 7.00
CA PRO C 35 -10.34 12.80 6.38
C PRO C 35 -9.89 12.82 4.93
N PRO C 36 -10.74 13.34 4.03
CA PRO C 36 -12.06 13.87 4.34
C PRO C 36 -13.06 12.74 4.60
N VAL C 37 -13.64 12.74 5.79
CA VAL C 37 -14.61 11.71 6.15
C VAL C 37 -15.95 12.02 5.50
N GLY C 38 -16.49 11.04 4.77
CA GLY C 38 -17.77 11.26 4.12
C GLY C 38 -17.99 10.29 2.97
N LEU C 39 -18.98 10.61 2.14
CA LEU C 39 -19.36 9.78 1.01
C LEU C 39 -18.41 9.96 -0.17
N ALA C 40 -18.00 8.84 -0.77
CA ALA C 40 -17.09 8.90 -1.90
C ALA C 40 -17.12 7.66 -2.78
N LEU C 41 -16.50 7.76 -3.95
CA LEU C 41 -16.41 6.63 -4.86
C LEU C 41 -15.28 5.77 -4.30
N PRO C 42 -15.35 4.45 -4.52
CA PRO C 42 -14.27 3.60 -4.01
C PRO C 42 -13.08 3.80 -4.93
N GLY C 43 -11.88 3.56 -4.41
CA GLY C 43 -10.69 3.70 -5.23
C GLY C 43 -9.45 3.85 -4.38
N GLY C 44 -8.30 3.99 -5.02
CA GLY C 44 -7.07 4.13 -4.27
C GLY C 44 -5.87 4.38 -5.16
N PHE C 45 -4.70 4.44 -4.53
CA PHE C 45 -3.48 4.67 -5.28
C PHE C 45 -2.98 3.45 -6.02
N VAL C 46 -2.46 3.68 -7.22
CA VAL C 46 -1.90 2.61 -8.04
C VAL C 46 -0.49 2.38 -7.51
N GLU C 47 -0.13 1.12 -7.29
CA GLU C 47 1.21 0.81 -6.78
C GLU C 47 2.22 0.73 -7.91
N VAL C 48 3.48 0.99 -7.58
CA VAL C 48 4.54 0.90 -8.58
C VAL C 48 4.58 -0.55 -9.07
N GLY C 49 4.63 -0.73 -10.39
CA GLY C 49 4.67 -2.06 -10.97
C GLY C 49 3.30 -2.68 -11.19
N GLU C 50 2.25 -1.92 -10.90
CA GLU C 50 0.87 -2.40 -11.04
C GLU C 50 0.14 -1.70 -12.18
N ARG C 51 -0.60 -2.46 -12.98
CA ARG C 51 -1.38 -1.87 -14.07
C ARG C 51 -2.54 -1.14 -13.41
N VAL C 52 -3.00 -0.05 -14.02
CA VAL C 52 -4.11 0.70 -13.46
C VAL C 52 -5.35 -0.18 -13.30
N GLU C 53 -5.61 -1.02 -14.29
CA GLU C 53 -6.77 -1.90 -14.23
C GLU C 53 -6.67 -2.86 -13.06
N GLU C 54 -5.45 -3.32 -12.77
CA GLU C 54 -5.22 -4.24 -11.65
C GLU C 54 -5.44 -3.51 -10.33
N ALA C 55 -4.95 -2.27 -10.24
CA ALA C 55 -5.11 -1.49 -9.02
C ALA C 55 -6.60 -1.25 -8.76
N ALA C 56 -7.34 -0.94 -9.80
CA ALA C 56 -8.78 -0.68 -9.67
C ALA C 56 -9.46 -1.93 -9.11
N ALA C 57 -9.25 -3.06 -9.75
CA ALA C 57 -9.84 -4.33 -9.33
C ALA C 57 -9.49 -4.65 -7.87
N ARG C 58 -8.22 -4.48 -7.52
CA ARG C 58 -7.75 -4.74 -6.16
C ARG C 58 -8.41 -3.81 -5.14
N GLU C 59 -8.47 -2.51 -5.43
CA GLU C 59 -9.09 -1.57 -4.50
C GLU C 59 -10.57 -1.91 -4.31
N ARG C 61 -11.97 -4.85 -4.49
CA ARG C 61 -12.04 -6.03 -3.62
C ARG C 61 -11.86 -5.62 -2.16
N GLU C 62 -10.78 -4.88 -1.92
CA GLU C 62 -10.47 -4.41 -0.58
C GLU C 62 -11.53 -3.53 0.08
N GLU C 63 -12.01 -2.52 -0.64
CA GLU C 63 -13.00 -1.61 -0.06
C GLU C 63 -14.46 -2.02 -0.14
N THR C 64 -14.83 -2.75 -1.18
CA THR C 64 -16.22 -3.15 -1.35
C THR C 64 -16.47 -4.64 -1.35
N GLY C 65 -15.40 -5.44 -1.40
CA GLY C 65 -15.56 -6.88 -1.42
C GLY C 65 -16.20 -7.41 -2.69
N LEU C 66 -16.30 -6.55 -3.71
CA LEU C 66 -16.91 -6.97 -4.96
C LEU C 66 -15.89 -7.28 -6.04
N GLU C 67 -16.27 -8.20 -6.93
CA GLU C 67 -15.45 -8.60 -8.07
C GLU C 67 -15.97 -7.75 -9.22
N VAL C 68 -15.28 -6.66 -9.50
CA VAL C 68 -15.70 -5.73 -10.54
C VAL C 68 -15.07 -5.97 -11.90
N ARG C 69 -15.91 -5.97 -12.93
CA ARG C 69 -15.42 -6.13 -14.30
C ARG C 69 -15.44 -4.73 -14.90
N LEU C 70 -14.25 -4.19 -15.20
CA LEU C 70 -14.17 -2.86 -15.77
C LEU C 70 -14.79 -2.89 -17.16
N HIS C 71 -15.59 -1.88 -17.44
CA HIS C 71 -16.29 -1.81 -18.72
C HIS C 71 -15.80 -0.68 -19.62
N LYS C 72 -15.50 0.47 -19.02
CA LYS C 72 -15.11 1.63 -19.80
C LYS C 72 -14.22 2.64 -19.07
N LEU C 73 -13.24 3.18 -19.78
CA LEU C 73 -12.36 4.20 -19.24
C LEU C 73 -13.26 5.43 -19.34
N GLY C 75 -12.68 8.74 -17.66
CA GLY C 75 -11.97 9.99 -17.74
C GLY C 75 -10.80 10.06 -16.79
N VAL C 76 -9.97 11.07 -16.96
CA VAL C 76 -8.81 11.29 -16.11
C VAL C 76 -9.02 12.67 -15.49
N TYR C 77 -9.06 12.73 -14.17
CA TYR C 77 -9.25 14.00 -13.47
C TYR C 77 -7.92 14.41 -12.87
N SER C 78 -7.39 15.54 -13.32
CA SER C 78 -6.08 16.00 -12.85
C SER C 78 -5.99 17.42 -12.29
N ASP C 79 -7.12 18.03 -11.95
CA ASP C 79 -7.10 19.37 -11.36
C ASP C 79 -6.17 19.28 -10.15
N PRO C 80 -5.11 20.09 -10.12
CA PRO C 80 -4.16 20.08 -9.00
C PRO C 80 -4.78 20.19 -7.60
N GLU C 81 -5.96 20.79 -7.53
CA GLU C 81 -6.64 20.98 -6.25
C GLU C 81 -7.73 19.97 -5.89
N ARG C 82 -7.88 18.92 -6.69
CA ARG C 82 -8.95 17.96 -6.42
C ARG C 82 -8.78 17.15 -5.14
N ASP C 83 -7.54 16.84 -4.78
CA ASP C 83 -7.24 16.06 -3.58
C ASP C 83 -6.36 16.90 -2.65
N PRO C 84 -6.78 17.12 -1.41
CA PRO C 84 -6.02 17.92 -0.45
C PRO C 84 -4.73 17.29 0.08
N ARG C 85 -4.56 15.99 -0.10
CA ARG C 85 -3.37 15.29 0.38
C ARG C 85 -2.13 15.53 -0.46
N ALA C 86 -2.32 15.76 -1.75
CA ALA C 86 -1.23 15.99 -2.68
C ALA C 86 -1.83 16.19 -4.06
N HIS C 87 -0.98 16.31 -5.07
CA HIS C 87 -1.50 16.46 -6.42
C HIS C 87 -1.78 15.03 -6.85
N VAL C 88 -3.05 14.63 -6.79
CA VAL C 88 -3.43 13.28 -7.16
C VAL C 88 -4.30 13.27 -8.41
N VAL C 89 -3.85 12.52 -9.40
CA VAL C 89 -4.56 12.38 -10.66
C VAL C 89 -5.26 11.04 -10.62
N SER C 90 -6.54 11.04 -10.94
CA SER C 90 -7.30 9.80 -10.90
C SER C 90 -7.86 9.34 -12.23
N VAL C 91 -7.61 8.08 -12.53
CA VAL C 91 -8.13 7.46 -13.74
C VAL C 91 -9.44 6.86 -13.28
N VAL C 92 -10.55 7.34 -13.82
CA VAL C 92 -11.85 6.84 -13.42
C VAL C 92 -12.44 5.87 -14.45
N TRP C 93 -12.88 4.72 -13.95
CA TRP C 93 -13.49 3.69 -14.78
C TRP C 93 -14.94 3.49 -14.40
N ILE C 94 -15.70 2.89 -15.31
CA ILE C 94 -17.07 2.52 -15.04
C ILE C 94 -16.98 0.99 -15.10
N GLY C 95 -17.53 0.30 -14.11
CA GLY C 95 -17.46 -1.15 -14.10
C GLY C 95 -18.79 -1.76 -13.69
N ASP C 96 -18.86 -3.08 -13.63
CA ASP C 96 -20.09 -3.77 -13.24
C ASP C 96 -19.78 -4.91 -12.28
N ALA C 97 -20.71 -5.19 -11.38
CA ALA C 97 -20.54 -6.27 -10.42
C ALA C 97 -21.87 -6.86 -10.02
N GLN C 98 -21.81 -8.13 -9.60
CA GLN C 98 -22.95 -8.87 -9.10
C GLN C 98 -22.52 -9.10 -7.67
N GLY C 99 -23.40 -9.65 -6.84
CA GLY C 99 -23.00 -9.95 -5.47
C GLY C 99 -23.34 -8.92 -4.42
N GLU C 100 -22.93 -9.22 -3.19
CA GLU C 100 -23.19 -8.35 -2.05
C GLU C 100 -21.93 -7.65 -1.58
N PRO C 101 -21.97 -6.32 -1.52
CA PRO C 101 -20.77 -5.59 -1.06
C PRO C 101 -20.53 -5.73 0.44
N LYS C 102 -19.26 -5.69 0.82
CA LYS C 102 -18.84 -5.79 2.20
C LYS C 102 -17.75 -4.76 2.42
N ALA C 103 -17.96 -3.85 3.37
CA ALA C 103 -16.99 -2.80 3.64
C ALA C 103 -15.66 -3.33 4.14
N GLY C 104 -14.59 -2.58 3.87
CA GLY C 104 -13.27 -2.99 4.30
C GLY C 104 -12.22 -1.94 4.02
N SER C 105 -11.08 -2.07 4.69
CA SER C 105 -9.97 -1.13 4.51
C SER C 105 -10.38 0.32 4.83
N ASP C 106 -10.14 1.21 3.88
CA ASP C 106 -10.46 2.63 4.04
C ASP C 106 -11.94 2.98 4.06
N ALA C 107 -12.80 2.00 3.79
CA ALA C 107 -14.24 2.24 3.79
C ALA C 107 -14.92 1.78 5.08
N LYS C 108 -15.41 2.74 5.86
CA LYS C 108 -16.11 2.43 7.11
C LYS C 108 -17.40 1.70 6.79
N LYS C 109 -18.00 2.07 5.67
CA LYS C 109 -19.24 1.45 5.22
C LYS C 109 -19.30 1.47 3.70
N VAL C 110 -20.17 0.64 3.15
CA VAL C 110 -20.35 0.57 1.72
C VAL C 110 -21.83 0.35 1.48
N LYS C 111 -22.39 1.08 0.52
CA LYS C 111 -23.81 0.96 0.23
C LYS C 111 -24.10 1.34 -1.21
N VAL C 112 -25.09 0.68 -1.82
CA VAL C 112 -25.45 1.00 -3.19
C VAL C 112 -26.48 2.12 -3.12
N TYR C 113 -26.37 3.07 -4.03
CA TYR C 113 -27.27 4.20 -4.09
C TYR C 113 -27.94 4.23 -5.45
N ARG C 114 -29.26 4.39 -5.47
CA ARG C 114 -29.94 4.50 -6.75
C ARG C 114 -29.34 5.79 -7.31
N LEU C 115 -29.19 5.88 -8.63
CA LEU C 115 -28.60 7.06 -9.22
C LEU C 115 -29.41 8.32 -8.95
N GLU C 116 -30.70 8.15 -8.72
CA GLU C 116 -31.60 9.28 -8.45
C GLU C 116 -31.63 9.69 -6.98
N GLU C 117 -30.94 8.95 -6.12
CA GLU C 117 -30.94 9.26 -4.69
C GLU C 117 -29.56 9.47 -4.08
N ILE C 118 -28.61 9.91 -4.90
CA ILE C 118 -27.26 10.17 -4.42
C ILE C 118 -27.21 11.55 -3.80
N PRO C 119 -26.78 11.66 -2.53
CA PRO C 119 -26.70 12.98 -1.91
C PRO C 119 -25.41 13.63 -2.38
N LEU C 120 -25.49 14.29 -3.54
CA LEU C 120 -24.34 14.91 -4.17
C LEU C 120 -23.50 15.85 -3.31
N ASP C 121 -24.14 16.62 -2.43
CA ASP C 121 -23.38 17.55 -1.60
C ASP C 121 -22.69 16.92 -0.41
N LYS C 122 -22.83 15.60 -0.25
CA LYS C 122 -22.16 14.91 0.84
C LYS C 122 -20.87 14.27 0.29
N LEU C 123 -20.72 14.26 -1.03
CA LEU C 123 -19.55 13.67 -1.67
C LEU C 123 -18.27 14.47 -1.39
N VAL C 124 -17.19 13.77 -1.07
CA VAL C 124 -15.92 14.42 -0.79
C VAL C 124 -15.06 14.55 -2.04
N PHE C 125 -13.91 15.21 -1.91
CA PHE C 125 -13.01 15.44 -3.04
C PHE C 125 -13.86 16.10 -4.13
N ASP C 126 -13.58 15.74 -5.38
CA ASP C 126 -14.30 16.27 -6.53
C ASP C 126 -15.25 15.19 -7.05
N HIS C 127 -15.67 14.28 -6.17
CA HIS C 127 -16.54 13.20 -6.62
C HIS C 127 -17.92 13.64 -7.09
N LYS C 128 -18.37 14.81 -6.67
CA LYS C 128 -19.67 15.29 -7.16
C LYS C 128 -19.52 15.58 -8.65
N LYS C 129 -18.38 16.15 -9.02
CA LYS C 129 -18.11 16.49 -10.41
C LYS C 129 -18.00 15.22 -11.25
N ILE C 130 -17.28 14.24 -10.73
CA ILE C 130 -17.10 12.98 -11.45
C ILE C 130 -18.40 12.22 -11.61
N ILE C 131 -19.19 12.14 -10.54
CA ILE C 131 -20.46 11.45 -10.62
C ILE C 131 -21.43 12.19 -11.54
N LEU C 132 -21.41 13.51 -11.54
CA LEU C 132 -22.31 14.23 -12.44
C LEU C 132 -21.89 13.98 -13.89
N ASP C 133 -20.60 13.90 -14.16
CA ASP C 133 -20.15 13.64 -15.53
C ASP C 133 -20.71 12.29 -15.96
N PHE C 134 -20.65 11.33 -15.04
CA PHE C 134 -21.16 9.98 -15.31
C PHE C 134 -22.66 10.00 -15.61
N LEU C 135 -23.43 10.61 -14.71
CA LEU C 135 -24.88 10.68 -14.87
C LEU C 135 -25.30 11.40 -16.14
N LYS C 136 -24.53 12.42 -16.53
CA LYS C 136 -24.82 13.19 -17.73
C LYS C 136 -24.23 12.58 -19.00
N GLY C 137 -23.49 11.49 -18.85
CA GLY C 137 -22.88 10.84 -20.00
C GLY C 137 -21.80 11.70 -20.63
N ASN C 138 -21.20 12.58 -19.84
CA ASN C 138 -20.14 13.47 -20.32
C ASN C 138 -18.77 12.82 -20.33
N TYR C 139 -18.58 11.87 -21.24
CA TYR C 139 -17.33 11.14 -21.39
C TYR C 139 -17.37 10.31 -22.67
N VAL D 5 3.24 8.32 -0.19
CA VAL D 5 2.85 7.20 -1.10
C VAL D 5 3.62 7.22 -2.42
N LYS D 6 4.06 6.05 -2.86
CA LYS D 6 4.81 5.90 -4.11
C LYS D 6 3.97 5.21 -5.17
N THR D 7 3.80 5.86 -6.31
CA THR D 7 3.00 5.28 -7.41
C THR D 7 3.80 5.38 -8.71
N PRO D 8 3.24 4.89 -9.82
CA PRO D 8 3.99 4.99 -11.08
C PRO D 8 4.12 6.47 -11.42
N LEU D 9 5.03 6.79 -12.35
CA LEU D 9 5.18 8.19 -12.76
C LEU D 9 4.09 8.45 -13.79
N LEU D 10 3.64 9.69 -13.89
CA LEU D 10 2.60 10.06 -14.83
C LEU D 10 3.13 10.87 -16.01
N ALA D 11 2.77 10.43 -17.20
CA ALA D 11 3.17 11.08 -18.44
C ALA D 11 1.96 11.10 -19.37
N THR D 12 2.09 11.84 -20.46
CA THR D 12 1.01 11.91 -21.42
C THR D 12 1.58 12.05 -22.81
N ASP D 13 0.93 11.40 -23.76
CA ASP D 13 1.37 11.44 -25.15
C ASP D 13 0.16 11.78 -26.00
N VAL D 14 0.41 12.28 -27.20
CA VAL D 14 -0.68 12.67 -28.08
C VAL D 14 -0.51 12.18 -29.50
N ILE D 15 -1.62 11.70 -30.06
CA ILE D 15 -1.69 11.25 -31.43
C ILE D 15 -2.24 12.50 -32.12
N ILE D 16 -1.35 13.20 -32.83
CA ILE D 16 -1.72 14.43 -33.51
C ILE D 16 -2.14 14.23 -34.95
N ARG D 17 -3.41 14.46 -35.24
CA ARG D 17 -3.88 14.37 -36.62
C ARG D 17 -3.51 15.75 -37.18
N LEU D 18 -2.63 15.79 -38.19
CA LEU D 18 -2.21 17.06 -38.78
C LEU D 18 -3.04 17.37 -40.02
N TRP D 19 -3.48 18.61 -40.16
CA TRP D 19 -4.29 19.00 -41.30
C TRP D 19 -3.73 20.18 -42.09
N ASP D 20 -4.04 20.17 -43.38
CA ASP D 20 -3.67 21.23 -44.30
C ASP D 20 -5.03 21.60 -44.89
N GLY D 21 -5.78 22.39 -44.14
CA GLY D 21 -7.11 22.78 -44.58
C GLY D 21 -8.03 21.60 -44.31
N GLU D 22 -8.75 21.17 -45.33
CA GLU D 22 -9.65 20.03 -45.20
C GLU D 22 -8.94 18.72 -45.48
N ASN D 23 -7.68 18.82 -45.90
CA ASN D 23 -6.89 17.63 -46.24
C ASN D 23 -6.11 17.08 -45.05
N PHE D 24 -6.37 15.83 -44.74
CA PHE D 24 -5.69 15.15 -43.63
C PHE D 24 -4.28 14.82 -44.11
N LYS D 25 -3.28 15.16 -43.30
CA LYS D 25 -1.89 14.92 -43.68
C LYS D 25 -1.25 13.69 -43.06
N GLY D 26 -1.79 13.25 -41.92
CA GLY D 26 -1.23 12.10 -41.24
C GLY D 26 -0.98 12.37 -39.77
N ILE D 27 -0.06 11.61 -39.20
CA ILE D 27 0.30 11.71 -37.79
C ILE D 27 1.67 12.35 -37.61
N VAL D 28 1.86 13.06 -36.50
CA VAL D 28 3.14 13.71 -36.21
C VAL D 28 3.94 12.87 -35.22
N LEU D 29 5.11 12.40 -35.65
CA LEU D 29 5.94 11.58 -34.79
C LEU D 29 7.29 12.25 -34.54
N ILE D 30 8.02 11.71 -33.56
CA ILE D 30 9.31 12.22 -33.17
C ILE D 30 10.40 11.18 -33.37
N GLU D 31 11.50 11.57 -34.02
CA GLU D 31 12.62 10.66 -34.22
C GLU D 31 13.55 10.91 -33.04
N ARG D 32 13.58 9.99 -32.09
CA ARG D 32 14.41 10.12 -30.90
C ARG D 32 15.85 9.69 -31.14
N LYS D 33 16.78 10.56 -30.75
CA LYS D 33 18.19 10.27 -30.91
C LYS D 33 18.75 9.71 -29.59
N TYR D 34 18.01 9.89 -28.51
CA TYR D 34 18.42 9.39 -27.20
C TYR D 34 17.63 8.13 -26.85
N PRO D 35 18.25 7.20 -26.10
CA PRO D 35 17.60 5.94 -25.70
C PRO D 35 16.28 6.12 -24.95
N PRO D 36 15.23 5.40 -25.36
CA PRO D 36 15.25 4.46 -26.48
C PRO D 36 15.27 5.17 -27.84
N VAL D 37 16.25 4.82 -28.67
CA VAL D 37 16.40 5.41 -29.98
C VAL D 37 15.40 4.84 -30.98
N GLY D 38 14.68 5.73 -31.65
CA GLY D 38 13.67 5.32 -32.61
C GLY D 38 12.50 6.29 -32.65
N LEU D 39 11.43 5.91 -33.35
CA LEU D 39 10.24 6.74 -33.48
C LEU D 39 9.31 6.65 -32.26
N ALA D 40 8.73 7.79 -31.91
CA ALA D 40 7.83 7.86 -30.77
C ALA D 40 6.80 8.96 -30.96
N LEU D 41 5.70 8.84 -30.22
CA LEU D 41 4.65 9.85 -30.26
C LEU D 41 5.20 11.03 -29.49
N PRO D 42 4.70 12.24 -29.75
CA PRO D 42 5.24 13.36 -28.97
C PRO D 42 4.58 13.29 -27.59
N GLY D 43 5.31 13.69 -26.55
CA GLY D 43 4.76 13.65 -25.22
C GLY D 43 5.84 13.80 -24.16
N GLY D 44 5.46 13.64 -22.90
CA GLY D 44 6.41 13.75 -21.81
C GLY D 44 5.75 13.62 -20.46
N PHE D 45 6.55 13.79 -19.40
CA PHE D 45 6.04 13.68 -18.05
C PHE D 45 5.17 14.86 -17.64
N VAL D 46 4.17 14.59 -16.80
CA VAL D 46 3.30 15.63 -16.28
C VAL D 46 4.00 16.16 -15.05
N GLU D 47 4.08 17.47 -14.89
CA GLU D 47 4.76 18.04 -13.74
C GLU D 47 3.78 18.28 -12.60
N VAL D 48 4.28 18.21 -11.38
CA VAL D 48 3.43 18.44 -10.22
C VAL D 48 2.88 19.86 -10.35
N GLY D 49 1.57 20.01 -10.28
CA GLY D 49 0.98 21.32 -10.38
C GLY D 49 0.19 21.59 -11.66
N GLU D 50 0.39 20.79 -12.70
CA GLU D 50 -0.36 21.00 -13.94
C GLU D 50 -1.32 19.88 -14.27
N ARG D 51 -2.40 20.23 -14.95
CA ARG D 51 -3.40 19.26 -15.39
C ARG D 51 -2.76 18.48 -16.52
N VAL D 52 -3.25 17.26 -16.77
CA VAL D 52 -2.69 16.45 -17.82
C VAL D 52 -2.80 17.15 -19.18
N GLU D 53 -3.93 17.83 -19.41
CA GLU D 53 -4.12 18.52 -20.68
C GLU D 53 -3.12 19.66 -20.84
N GLU D 54 -2.70 20.24 -19.71
CA GLU D 54 -1.73 21.34 -19.75
C GLU D 54 -0.35 20.77 -20.07
N ALA D 55 -0.05 19.60 -19.50
CA ALA D 55 1.24 18.96 -19.77
C ALA D 55 1.32 18.60 -21.24
N ALA D 56 0.24 18.08 -21.79
CA ALA D 56 0.23 17.69 -23.20
C ALA D 56 0.51 18.93 -24.06
N ALA D 57 -0.22 20.00 -23.79
CA ALA D 57 -0.04 21.23 -24.54
C ALA D 57 1.41 21.69 -24.51
N ARG D 58 2.02 21.65 -23.33
CA ARG D 58 3.41 22.06 -23.15
C ARG D 58 4.35 21.19 -23.99
N GLU D 59 4.18 19.87 -23.90
CA GLU D 59 5.02 18.96 -24.67
C GLU D 59 4.82 19.17 -26.17
N ARG D 61 3.90 21.89 -27.75
CA ARG D 61 4.54 23.14 -28.13
C ARG D 61 6.06 22.93 -28.24
N GLU D 62 6.63 22.33 -27.19
CA GLU D 62 8.07 22.09 -27.14
C GLU D 62 8.62 21.11 -28.18
N GLU D 63 7.96 19.97 -28.36
CA GLU D 63 8.45 18.98 -29.32
C GLU D 63 8.04 19.13 -30.77
N THR D 64 6.85 19.68 -31.03
CA THR D 64 6.37 19.83 -32.41
C THR D 64 6.15 21.26 -32.85
N GLY D 65 6.07 22.18 -31.89
CA GLY D 65 5.86 23.57 -32.22
C GLY D 65 4.44 23.83 -32.67
N LEU D 66 3.58 22.81 -32.57
CA LEU D 66 2.19 22.93 -32.98
C LEU D 66 1.24 23.27 -31.84
N GLU D 67 0.13 23.94 -32.20
CA GLU D 67 -0.91 24.29 -31.25
C GLU D 67 -1.92 23.18 -31.48
N VAL D 68 -1.96 22.22 -30.55
CA VAL D 68 -2.85 21.07 -30.67
C VAL D 68 -4.12 21.17 -29.82
N ARG D 69 -5.26 21.05 -30.49
CA ARG D 69 -6.54 21.08 -29.81
C ARG D 69 -6.86 19.62 -29.48
N LEU D 70 -6.91 19.28 -28.20
CA LEU D 70 -7.20 17.90 -27.80
C LEU D 70 -8.63 17.59 -28.15
N HIS D 71 -8.84 16.42 -28.74
CA HIS D 71 -10.16 16.00 -29.17
C HIS D 71 -10.78 14.86 -28.38
N LYS D 72 -9.96 13.90 -27.99
CA LYS D 72 -10.49 12.73 -27.31
C LYS D 72 -9.48 12.02 -26.40
N LEU D 73 -9.95 11.62 -25.21
CA LEU D 73 -9.13 10.85 -24.29
C LEU D 73 -9.14 9.50 -24.97
N GLY D 75 -6.78 6.60 -24.24
CA GLY D 75 -6.53 5.46 -23.37
C GLY D 75 -5.42 5.72 -22.37
N VAL D 76 -5.30 4.82 -21.40
CA VAL D 76 -4.27 4.93 -20.37
C VAL D 76 -3.48 3.64 -20.46
N TYR D 77 -2.18 3.77 -20.74
CA TYR D 77 -1.32 2.61 -20.88
C TYR D 77 -0.42 2.50 -19.65
N SER D 78 -0.52 1.37 -18.95
CA SER D 78 0.24 1.18 -17.73
C SER D 78 1.08 -0.11 -17.58
N ASP D 79 1.30 -0.82 -18.69
CA ASP D 79 2.12 -2.04 -18.62
C ASP D 79 3.44 -1.65 -17.94
N PRO D 80 3.78 -2.32 -16.82
CA PRO D 80 5.02 -2.03 -16.10
C PRO D 80 6.28 -1.93 -16.96
N GLU D 81 6.33 -2.72 -18.03
CA GLU D 81 7.50 -2.75 -18.90
C GLU D 81 7.44 -1.85 -20.14
N ARG D 82 6.44 -0.98 -20.23
CA ARG D 82 6.32 -0.11 -21.39
C ARG D 82 7.45 0.90 -21.53
N ASP D 83 7.94 1.40 -20.40
CA ASP D 83 9.01 2.38 -20.39
C ASP D 83 10.22 1.78 -19.65
N PRO D 84 11.40 1.75 -20.30
CA PRO D 84 12.61 1.19 -19.69
C PRO D 84 13.20 2.05 -18.57
N ARG D 85 12.84 3.32 -18.54
CA ARG D 85 13.36 4.24 -17.54
C ARG D 85 12.80 4.09 -16.13
N ALA D 86 11.60 3.53 -16.03
CA ALA D 86 10.93 3.35 -14.75
C ALA D 86 9.49 2.95 -15.08
N HIS D 87 8.65 2.77 -14.06
CA HIS D 87 7.27 2.43 -14.36
C HIS D 87 6.57 3.74 -14.67
N VAL D 88 6.26 3.96 -15.94
CA VAL D 88 5.60 5.17 -16.39
C VAL D 88 4.24 4.85 -16.99
N VAL D 89 3.22 5.56 -16.54
CA VAL D 89 1.86 5.36 -17.04
C VAL D 89 1.57 6.56 -17.92
N SER D 90 1.10 6.31 -19.13
CA SER D 90 0.82 7.40 -20.05
C SER D 90 -0.66 7.58 -20.39
N VAL D 91 -1.10 8.83 -20.31
CA VAL D 91 -2.47 9.17 -20.67
C VAL D 91 -2.33 9.60 -22.13
N VAL D 92 -2.99 8.88 -23.02
CA VAL D 92 -2.92 9.17 -24.44
C VAL D 92 -4.14 9.89 -24.97
N TRP D 93 -3.89 10.99 -25.69
CA TRP D 93 -4.95 11.79 -26.28
C TRP D 93 -4.84 11.77 -27.80
N ILE D 94 -5.94 12.07 -28.46
CA ILE D 94 -5.97 12.20 -29.92
C ILE D 94 -6.29 13.69 -30.03
N GLY D 95 -5.52 14.42 -30.84
CA GLY D 95 -5.75 15.83 -31.00
C GLY D 95 -5.63 16.22 -32.46
N ASP D 96 -5.90 17.49 -32.76
CA ASP D 96 -5.82 17.97 -34.14
C ASP D 96 -5.01 19.25 -34.20
N ALA D 97 -4.33 19.45 -35.31
CA ALA D 97 -3.53 20.65 -35.47
C ALA D 97 -3.50 21.10 -36.93
N GLN D 98 -3.45 22.41 -37.10
CA GLN D 98 -3.35 23.02 -38.41
C GLN D 98 -1.97 23.65 -38.36
N GLY D 99 -1.42 24.05 -39.50
CA GLY D 99 -0.12 24.68 -39.48
C GLY D 99 1.06 23.77 -39.74
N GLU D 100 2.26 24.32 -39.60
CA GLU D 100 3.48 23.59 -39.86
C GLU D 100 4.29 23.28 -38.60
N PRO D 101 4.68 22.01 -38.42
CA PRO D 101 5.46 21.65 -37.25
C PRO D 101 6.90 22.12 -37.38
N LYS D 102 7.52 22.47 -36.25
CA LYS D 102 8.90 22.91 -36.25
C LYS D 102 9.75 21.74 -36.72
N ALA D 103 11.00 21.99 -37.08
CA ALA D 103 11.87 20.91 -37.55
C ALA D 103 12.21 20.00 -36.38
N GLY D 104 12.21 20.58 -35.17
CA GLY D 104 12.52 19.81 -33.99
C GLY D 104 13.99 19.95 -33.63
N SER D 105 14.37 19.43 -32.46
CA SER D 105 15.75 19.50 -32.01
C SER D 105 16.56 18.37 -32.63
N ASP D 106 17.87 18.41 -32.44
CA ASP D 106 18.73 17.38 -32.96
C ASP D 106 18.38 16.04 -32.31
N ALA D 107 17.98 16.10 -31.04
CA ALA D 107 17.61 14.91 -30.28
C ALA D 107 16.20 14.42 -30.61
N LYS D 108 15.35 15.34 -31.06
CA LYS D 108 13.96 15.00 -31.38
C LYS D 108 13.49 15.64 -32.68
N LYS D 109 13.77 14.99 -33.80
CA LYS D 109 13.36 15.50 -35.10
C LYS D 109 11.88 15.17 -35.36
N VAL D 110 11.13 16.18 -35.79
CA VAL D 110 9.70 16.02 -36.07
C VAL D 110 9.50 15.42 -37.46
N LYS D 111 8.67 14.38 -37.53
CA LYS D 111 8.38 13.69 -38.79
C LYS D 111 6.88 13.45 -38.96
N VAL D 112 6.35 13.76 -40.14
CA VAL D 112 4.93 13.53 -40.40
C VAL D 112 4.79 12.28 -41.25
N TYR D 113 3.96 11.35 -40.80
CA TYR D 113 3.75 10.09 -41.51
C TYR D 113 2.31 9.84 -41.89
N ARG D 114 2.07 9.40 -43.12
CA ARG D 114 0.72 9.04 -43.52
C ARG D 114 0.47 7.82 -42.63
N LEU D 115 -0.78 7.60 -42.22
CA LEU D 115 -1.08 6.47 -41.34
C LEU D 115 -0.72 5.12 -41.93
N GLU D 116 -0.81 5.01 -43.25
CA GLU D 116 -0.50 3.76 -43.95
C GLU D 116 0.99 3.54 -44.16
N GLU D 117 1.81 4.53 -43.81
CA GLU D 117 3.25 4.40 -44.03
C GLU D 117 4.13 4.49 -42.79
N ILE D 118 3.52 4.36 -41.62
CA ILE D 118 4.30 4.42 -40.39
C ILE D 118 5.17 3.16 -40.27
N PRO D 119 6.47 3.32 -40.00
CA PRO D 119 7.30 2.12 -39.85
C PRO D 119 7.09 1.59 -38.43
N LEU D 120 6.06 0.76 -38.29
CA LEU D 120 5.67 0.20 -37.00
C LEU D 120 6.79 -0.40 -36.16
N ASP D 121 7.72 -1.12 -36.79
CA ASP D 121 8.79 -1.73 -36.01
C ASP D 121 9.94 -0.79 -35.67
N LYS D 122 9.79 0.49 -36.01
CA LYS D 122 10.79 1.51 -35.68
C LYS D 122 10.31 2.22 -34.41
N LEU D 123 9.04 2.01 -34.06
CA LEU D 123 8.47 2.63 -32.88
C LEU D 123 9.06 2.08 -31.59
N VAL D 124 9.31 2.96 -30.63
CA VAL D 124 9.87 2.56 -29.34
C VAL D 124 8.80 2.57 -28.26
N PHE D 125 9.19 2.22 -27.03
CA PHE D 125 8.23 2.15 -25.93
C PHE D 125 7.17 1.15 -26.41
N ASP D 126 5.92 1.37 -26.00
CA ASP D 126 4.81 0.51 -26.41
C ASP D 126 4.01 1.28 -27.47
N HIS D 127 4.67 2.18 -28.18
CA HIS D 127 3.95 2.99 -29.16
C HIS D 127 3.39 2.27 -30.37
N LYS D 128 3.88 1.06 -30.65
CA LYS D 128 3.34 0.30 -31.78
C LYS D 128 1.95 -0.16 -31.37
N LYS D 129 1.81 -0.62 -30.13
CA LYS D 129 0.52 -1.07 -29.62
C LYS D 129 -0.47 0.07 -29.57
N ILE D 130 -0.02 1.22 -29.08
CA ILE D 130 -0.87 2.40 -28.97
C ILE D 130 -1.35 2.87 -30.34
N ILE D 131 -0.44 2.96 -31.30
CA ILE D 131 -0.81 3.40 -32.64
C ILE D 131 -1.73 2.38 -33.31
N LEU D 132 -1.48 1.10 -33.12
CA LEU D 132 -2.36 0.10 -33.72
C LEU D 132 -3.75 0.21 -33.10
N ASP D 133 -3.82 0.46 -31.79
CA ASP D 133 -5.12 0.60 -31.13
C ASP D 133 -5.85 1.77 -31.78
N PHE D 134 -5.11 2.85 -32.04
CA PHE D 134 -5.69 4.03 -32.67
C PHE D 134 -6.21 3.71 -34.06
N LEU D 135 -5.37 3.09 -34.88
CA LEU D 135 -5.76 2.74 -36.25
C LEU D 135 -6.94 1.77 -36.33
N LYS D 136 -7.05 0.89 -35.33
CA LYS D 136 -8.14 -0.08 -35.29
C LYS D 136 -9.39 0.43 -34.58
N GLY D 137 -9.32 1.65 -34.05
CA GLY D 137 -10.46 2.21 -33.36
C GLY D 137 -10.75 1.52 -32.05
N ASN D 138 -9.73 0.88 -31.48
CA ASN D 138 -9.90 0.16 -30.22
C ASN D 138 -9.79 1.08 -29.01
N TYR D 139 -10.79 1.93 -28.84
CA TYR D 139 -10.83 2.86 -27.71
C TYR D 139 -12.20 3.51 -27.62
#